data_2GR0
#
_entry.id   2GR0
#
_cell.length_a   98.283
_cell.length_b   98.283
_cell.length_c   171.245
_cell.angle_alpha   90.00
_cell.angle_beta   90.00
_cell.angle_gamma   120.00
#
_symmetry.space_group_name_H-M   'P 61 2 2'
#
loop_
_entity.id
_entity.type
_entity.pdbx_description
1 polymer 'ferredoxin reductase'
2 non-polymer 'FLAVIN-ADENINE DINUCLEOTIDE'
3 non-polymer "ADENOSINE-5'-DIPHOSPHATE"
4 water water
#
_entity_poly.entity_id   1
_entity_poly.type   'polypeptide(L)'
_entity_poly.pdbx_seq_one_letter_code
;MSQEALKAPVVVLGAGLASVSFVAELRQAGYQGLITVVGDEAERPYDRPPLSKDFMAHGDAEKIRLDCKRAPEVEWLLGV
TAQSFDPQAHTVALSDGRTLPYGTLVLATGAAPRALPTLQGATMPVHTLRTLEDARRIQAGLRPQSRLLIVGGGVIGLEL
AATARTAGVHVSLVETQPRLMSRAAPATLADFVARYHAAQGVDLRFERSVTGSVDGVVLLDDGTRIAADMVVVGIGVLAN
DALARAAGLACDDGIFVDAYGRTTCPDVYALGDVTRQRNPLSGRFERIETWSNAQNQGIAVARHLVDPTAPGYAELPWYW
SDQGALRIQVAGLASGDEEIVRGEVSLDAPKFTLIELQKGRIVGATCVNNARDFAPLRRLLAVGAKPDRAALADPATDLR
KLAAAVAA
;
_entity_poly.pdbx_strand_id   A
#
# COMPACT_ATOMS: atom_id res chain seq x y z
N LEU A 6 -7.58 25.93 -8.54
CA LEU A 6 -7.59 25.12 -9.81
C LEU A 6 -7.44 25.97 -11.07
N LYS A 7 -6.26 25.90 -11.66
CA LYS A 7 -5.95 26.58 -12.90
C LYS A 7 -5.71 25.53 -13.98
N ALA A 8 -6.30 25.74 -15.14
CA ALA A 8 -6.08 24.84 -16.29
C ALA A 8 -4.79 25.25 -16.98
N PRO A 9 -4.14 24.32 -17.70
CA PRO A 9 -4.44 22.89 -17.81
C PRO A 9 -3.89 22.10 -16.62
N VAL A 10 -4.48 20.94 -16.38
CA VAL A 10 -4.06 20.05 -15.29
C VAL A 10 -3.13 19.00 -15.86
N VAL A 11 -1.98 18.81 -15.22
CA VAL A 11 -1.05 17.76 -15.60
C VAL A 11 -0.82 16.90 -14.36
N VAL A 12 -0.97 15.59 -14.51
CA VAL A 12 -0.70 14.63 -13.40
C VAL A 12 0.49 13.76 -13.81
N LEU A 13 1.46 13.62 -12.89
CA LEU A 13 2.63 12.79 -13.12
C LEU A 13 2.42 11.49 -12.34
N GLY A 14 2.33 10.39 -13.10
CA GLY A 14 2.02 9.08 -12.55
C GLY A 14 0.63 8.68 -13.02
N ALA A 15 0.47 7.40 -13.36
CA ALA A 15 -0.82 6.90 -13.84
C ALA A 15 -1.26 5.68 -13.06
N GLY A 16 -1.01 5.71 -11.75
CA GLY A 16 -1.53 4.68 -10.86
C GLY A 16 -2.88 5.04 -10.28
N LEU A 17 -3.25 4.31 -9.25
CA LEU A 17 -4.57 4.45 -8.66
C LEU A 17 -4.84 5.88 -8.18
N ALA A 18 -3.85 6.53 -7.57
CA ALA A 18 -4.08 7.89 -7.05
C ALA A 18 -4.40 8.84 -8.20
N SER A 19 -3.60 8.77 -9.26
CA SER A 19 -3.82 9.57 -10.45
C SER A 19 -5.19 9.29 -11.09
N VAL A 20 -5.52 8.02 -11.31
CA VAL A 20 -6.82 7.70 -11.95
C VAL A 20 -7.98 8.19 -11.09
N SER A 21 -7.88 7.97 -9.79
CA SER A 21 -8.93 8.38 -8.87
C SER A 21 -9.12 9.90 -8.89
N PHE A 22 -8.00 10.61 -8.94
CA PHE A 22 -8.00 12.06 -8.94
C PHE A 22 -8.65 12.59 -10.23
N VAL A 23 -8.16 12.12 -11.38
CA VAL A 23 -8.71 12.65 -12.64
C VAL A 23 -10.19 12.32 -12.86
N ALA A 24 -10.61 11.13 -12.44
CA ALA A 24 -12.03 10.77 -12.50
C ALA A 24 -12.85 11.72 -11.62
N GLU A 25 -12.34 12.04 -10.43
CA GLU A 25 -13.07 12.94 -9.56
C GLU A 25 -13.12 14.37 -10.12
N LEU A 26 -12.03 14.82 -10.74
CA LEU A 26 -12.06 16.14 -11.38
C LEU A 26 -13.21 16.21 -12.38
N ARG A 27 -13.31 15.19 -13.24
CA ARG A 27 -14.39 15.15 -14.21
C ARG A 27 -15.76 15.08 -13.55
N GLN A 28 -15.88 14.20 -12.55
CA GLN A 28 -17.20 14.02 -11.94
C GLN A 28 -17.65 15.29 -11.21
N ALA A 29 -16.69 16.01 -10.66
CA ALA A 29 -16.96 17.25 -9.90
C ALA A 29 -17.25 18.44 -10.81
N GLY A 30 -16.99 18.27 -12.10
CA GLY A 30 -17.41 19.23 -13.10
C GLY A 30 -16.32 20.01 -13.81
N TYR A 31 -15.05 19.69 -13.53
CA TYR A 31 -13.96 20.37 -14.22
C TYR A 31 -13.93 19.87 -15.66
N GLN A 32 -13.96 20.81 -16.60
CA GLN A 32 -14.03 20.50 -18.02
C GLN A 32 -12.78 20.94 -18.82
N GLY A 33 -11.74 21.44 -18.13
CA GLY A 33 -10.52 21.87 -18.81
C GLY A 33 -9.63 20.69 -19.20
N LEU A 34 -8.48 20.99 -19.81
CA LEU A 34 -7.55 19.92 -20.20
C LEU A 34 -7.04 19.13 -19.01
N ILE A 35 -6.93 17.82 -19.20
CA ILE A 35 -6.20 16.97 -18.27
C ILE A 35 -5.27 16.07 -19.07
N THR A 36 -3.99 16.10 -18.72
CA THR A 36 -3.00 15.20 -19.31
C THR A 36 -2.31 14.45 -18.19
N VAL A 37 -2.18 13.14 -18.39
CA VAL A 37 -1.53 12.24 -17.38
C VAL A 37 -0.29 11.63 -18.00
N VAL A 38 0.85 11.68 -17.29
CA VAL A 38 2.11 11.14 -17.80
C VAL A 38 2.41 9.89 -16.98
N GLY A 39 2.52 8.74 -17.62
CA GLY A 39 2.73 7.48 -16.87
C GLY A 39 3.92 6.73 -17.43
N ASP A 40 4.92 6.45 -16.60
CA ASP A 40 6.16 5.87 -17.14
C ASP A 40 6.03 4.42 -17.61
N GLU A 41 5.11 3.69 -17.00
CA GLU A 41 4.87 2.32 -17.42
C GLU A 41 4.06 2.31 -18.70
N ALA A 42 4.51 1.50 -19.66
CA ALA A 42 3.73 1.29 -20.91
C ALA A 42 2.67 0.22 -20.69
N GLU A 43 1.67 0.57 -19.86
CA GLU A 43 0.61 -0.38 -19.46
C GLU A 43 -0.68 0.39 -19.28
N ARG A 44 -1.78 -0.17 -19.80
CA ARG A 44 -3.09 0.38 -19.46
C ARG A 44 -3.12 0.44 -17.93
N PRO A 45 -3.49 1.59 -17.36
CA PRO A 45 -3.49 1.71 -15.88
C PRO A 45 -4.15 0.52 -15.16
N TYR A 46 -3.48 0.06 -14.10
CA TYR A 46 -3.85 -1.18 -13.44
C TYR A 46 -3.68 -1.07 -11.93
N ASP A 47 -4.36 -1.96 -11.22
CA ASP A 47 -4.31 -1.99 -9.78
C ASP A 47 -3.22 -2.97 -9.31
N ARG A 48 -2.54 -2.60 -8.23
CA ARG A 48 -1.43 -3.42 -7.71
C ARG A 48 -1.82 -4.53 -6.77
N PRO A 49 -2.88 -4.38 -5.94
CA PRO A 49 -3.16 -5.49 -5.01
C PRO A 49 -3.27 -6.91 -5.62
N PRO A 50 -3.86 -7.04 -6.83
CA PRO A 50 -3.92 -8.38 -7.43
C PRO A 50 -2.54 -9.03 -7.67
N LEU A 51 -1.49 -8.21 -7.78
CA LEU A 51 -0.17 -8.74 -8.20
C LEU A 51 0.42 -9.78 -7.28
N SER A 52 0.12 -9.69 -5.99
CA SER A 52 0.61 -10.70 -5.04
C SER A 52 -0.54 -11.61 -4.62
N LYS A 53 -1.65 -11.51 -5.35
CA LYS A 53 -2.86 -12.28 -5.05
C LYS A 53 -3.29 -13.09 -6.28
N ASP A 54 -4.51 -12.86 -6.76
CA ASP A 54 -5.05 -13.69 -7.86
C ASP A 54 -4.27 -13.59 -9.18
N PHE A 55 -3.67 -12.43 -9.44
CA PHE A 55 -2.86 -12.34 -10.65
C PHE A 55 -1.70 -13.33 -10.62
N MET A 56 -1.01 -13.33 -9.47
CA MET A 56 0.16 -14.15 -9.27
C MET A 56 -0.25 -15.59 -9.49
N ALA A 57 -1.52 -15.88 -9.18
CA ALA A 57 -2.09 -17.20 -9.38
C ALA A 57 -2.74 -17.51 -10.74
N HIS A 58 -3.36 -16.53 -11.41
CA HIS A 58 -4.15 -16.70 -12.67
CA HIS A 58 -4.03 -16.82 -12.68
C HIS A 58 -3.50 -16.09 -13.92
N GLY A 59 -2.69 -15.06 -13.69
CA GLY A 59 -1.94 -14.39 -14.76
C GLY A 59 -2.64 -13.57 -15.82
N ASP A 60 -3.91 -13.21 -15.61
CA ASP A 60 -4.68 -12.46 -16.61
C ASP A 60 -4.70 -10.97 -16.29
N ALA A 61 -3.87 -10.19 -16.97
CA ALA A 61 -3.79 -8.76 -16.64
C ALA A 61 -5.07 -8.01 -17.00
N GLU A 62 -5.91 -8.63 -17.83
CA GLU A 62 -7.12 -7.94 -18.24
C GLU A 62 -8.18 -7.98 -17.16
N LYS A 63 -7.88 -8.65 -16.05
CA LYS A 63 -8.75 -8.63 -14.86
C LYS A 63 -8.34 -7.57 -13.85
N ILE A 64 -7.23 -6.87 -14.08
CA ILE A 64 -6.67 -5.98 -13.05
C ILE A 64 -6.59 -4.53 -13.48
N ARG A 65 -7.17 -4.22 -14.64
CA ARG A 65 -7.11 -2.84 -15.14
C ARG A 65 -8.03 -1.92 -14.36
N LEU A 66 -7.60 -0.67 -14.21
CA LEU A 66 -8.40 0.36 -13.57
C LEU A 66 -9.44 0.93 -14.54
N ASP A 67 -10.60 1.30 -14.02
CA ASP A 67 -11.65 1.87 -14.84
C ASP A 67 -11.38 3.35 -15.10
N CYS A 68 -10.98 3.68 -16.32
CA CYS A 68 -10.71 5.09 -16.67
C CYS A 68 -11.90 5.74 -17.37
N LYS A 69 -13.02 5.02 -17.44
CA LYS A 69 -14.21 5.53 -18.13
C LYS A 69 -14.88 6.68 -17.39
N ARG A 70 -14.75 6.73 -16.06
CA ARG A 70 -15.22 7.89 -15.28
C ARG A 70 -14.27 9.08 -15.41
N ALA A 71 -13.22 8.92 -16.23
CA ALA A 71 -12.32 10.03 -16.56
C ALA A 71 -12.28 10.29 -18.08
N PRO A 72 -13.40 10.77 -18.64
CA PRO A 72 -13.43 11.10 -20.07
C PRO A 72 -12.52 12.26 -20.44
N GLU A 73 -12.14 12.34 -21.72
CA GLU A 73 -11.35 13.47 -22.24
C GLU A 73 -10.05 13.65 -21.47
N VAL A 74 -9.35 12.54 -21.21
CA VAL A 74 -8.01 12.61 -20.58
C VAL A 74 -7.03 12.06 -21.58
N GLU A 75 -5.94 12.77 -21.84
CA GLU A 75 -4.90 12.18 -22.66
C GLU A 75 -3.90 11.52 -21.71
N TRP A 76 -3.75 10.21 -21.87
CA TRP A 76 -2.82 9.39 -21.10
C TRP A 76 -1.57 9.15 -21.89
N LEU A 77 -0.48 9.75 -21.47
CA LEU A 77 0.82 9.55 -22.13
C LEU A 77 1.54 8.40 -21.45
N LEU A 78 1.26 7.19 -21.92
CA LEU A 78 1.82 5.98 -21.31
C LEU A 78 3.21 5.70 -21.86
N GLY A 79 4.08 5.09 -21.05
CA GLY A 79 5.44 4.76 -21.46
C GLY A 79 6.33 5.99 -21.60
N VAL A 80 5.96 7.07 -20.90
CA VAL A 80 6.71 8.33 -20.95
C VAL A 80 7.08 8.72 -19.54
N THR A 81 8.32 9.18 -19.35
CA THR A 81 8.78 9.58 -18.02
C THR A 81 8.90 11.10 -17.93
N ALA A 82 8.30 11.70 -16.89
CA ALA A 82 8.57 13.10 -16.60
C ALA A 82 9.96 13.18 -16.00
N GLN A 83 10.82 13.98 -16.61
CA GLN A 83 12.21 14.08 -16.18
C GLN A 83 12.45 15.23 -15.20
N SER A 84 11.66 16.29 -15.30
CA SER A 84 11.77 17.43 -14.41
C SER A 84 10.56 18.31 -14.61
N PHE A 85 10.33 19.22 -13.67
CA PHE A 85 9.39 20.30 -13.92
C PHE A 85 10.00 21.62 -13.47
N ASP A 86 9.57 22.69 -14.12
CA ASP A 86 10.02 24.05 -13.79
C ASP A 86 8.82 24.79 -13.23
N PRO A 87 8.78 24.96 -11.89
CA PRO A 87 7.59 25.53 -11.27
C PRO A 87 7.43 27.03 -11.49
N GLN A 88 8.47 27.70 -11.98
CA GLN A 88 8.36 29.11 -12.36
C GLN A 88 7.72 29.24 -13.74
N ALA A 89 8.31 28.49 -14.69
CA ALA A 89 7.87 28.44 -16.07
C ALA A 89 6.54 27.70 -16.23
N HIS A 90 6.18 26.91 -15.22
CA HIS A 90 4.97 26.06 -15.22
C HIS A 90 4.99 25.09 -16.42
N THR A 91 6.07 24.34 -16.51
CA THR A 91 6.27 23.34 -17.56
C THR A 91 6.81 22.04 -16.99
N VAL A 92 6.59 20.95 -17.72
CA VAL A 92 7.15 19.64 -17.37
C VAL A 92 7.91 19.13 -18.58
N ALA A 93 9.13 18.67 -18.37
CA ALA A 93 9.99 18.10 -19.41
C ALA A 93 9.78 16.59 -19.47
N LEU A 94 9.43 16.08 -20.66
CA LEU A 94 9.20 14.64 -20.88
C LEU A 94 10.38 13.92 -21.56
N SER A 95 10.50 12.62 -21.26
CA SER A 95 11.58 11.78 -21.83
C SER A 95 11.51 11.64 -23.35
N ASP A 96 10.35 11.94 -23.95
CA ASP A 96 10.20 11.83 -25.41
C ASP A 96 10.52 13.13 -26.13
N GLY A 97 10.96 14.13 -25.35
CA GLY A 97 11.44 15.38 -25.91
C GLY A 97 10.42 16.49 -25.87
N ARG A 98 9.17 16.16 -25.55
CA ARG A 98 8.10 17.15 -25.48
C ARG A 98 8.07 17.87 -24.12
N THR A 99 7.42 19.01 -24.10
CA THR A 99 7.20 19.76 -22.87
C THR A 99 5.70 19.99 -22.71
N LEU A 100 5.20 19.85 -21.49
CA LEU A 100 3.80 20.15 -21.20
C LEU A 100 3.72 21.41 -20.35
N PRO A 101 2.82 22.34 -20.73
CA PRO A 101 2.48 23.46 -19.85
C PRO A 101 1.50 23.00 -18.78
N TYR A 102 1.51 23.65 -17.62
CA TYR A 102 0.48 23.38 -16.64
C TYR A 102 0.02 24.65 -15.94
N GLY A 103 -1.26 24.64 -15.57
CA GLY A 103 -1.81 25.56 -14.57
C GLY A 103 -1.69 24.95 -13.18
N THR A 104 -1.99 23.66 -13.09
CA THR A 104 -1.94 22.90 -11.82
C THR A 104 -1.20 21.59 -12.11
N LEU A 105 -0.16 21.31 -11.33
CA LEU A 105 0.62 20.09 -11.50
C LEU A 105 0.33 19.19 -10.31
N VAL A 106 0.15 17.89 -10.57
CA VAL A 106 -0.15 16.95 -9.48
C VAL A 106 0.84 15.81 -9.52
N LEU A 107 1.55 15.61 -8.41
CA LEU A 107 2.61 14.59 -8.39
C LEU A 107 2.02 13.34 -7.75
N ALA A 108 1.82 12.30 -8.55
CA ALA A 108 1.21 11.06 -8.08
C ALA A 108 2.10 9.88 -8.50
N THR A 109 3.37 9.97 -8.13
CA THR A 109 4.43 9.11 -8.72
C THR A 109 4.72 7.87 -7.86
N GLY A 110 3.99 7.73 -6.76
CA GLY A 110 4.04 6.49 -5.98
C GLY A 110 5.38 6.26 -5.27
N ALA A 111 5.73 4.99 -5.13
CA ALA A 111 6.93 4.61 -4.37
C ALA A 111 7.53 3.37 -5.03
N ALA A 112 8.81 3.14 -4.79
CA ALA A 112 9.55 2.02 -5.40
C ALA A 112 10.07 1.13 -4.29
N PRO A 113 10.16 -0.19 -4.53
CA PRO A 113 10.73 -1.10 -3.53
C PRO A 113 12.15 -0.69 -3.16
N ARG A 114 12.43 -0.71 -1.85
CA ARG A 114 13.80 -0.56 -1.36
C ARG A 114 14.65 -1.76 -1.80
N ALA A 115 15.84 -1.48 -2.34
CA ALA A 115 16.81 -2.55 -2.60
C ALA A 115 17.53 -2.95 -1.31
N LEU A 116 18.01 -4.19 -1.29
CA LEU A 116 18.77 -4.71 -0.17
C LEU A 116 20.25 -4.57 -0.48
N PRO A 117 20.93 -3.63 0.21
CA PRO A 117 22.32 -3.33 -0.16
C PRO A 117 23.22 -4.57 -0.17
N THR A 118 22.98 -5.50 0.74
CA THR A 118 23.84 -6.69 0.86
C THR A 118 23.69 -7.67 -0.30
N LEU A 119 22.64 -7.52 -1.11
CA LEU A 119 22.49 -8.39 -2.28
C LEU A 119 22.82 -7.69 -3.58
N GLN A 120 23.40 -6.48 -3.51
CA GLN A 120 23.60 -5.68 -4.71
C GLN A 120 24.43 -6.37 -5.80
N GLY A 121 25.49 -7.06 -5.40
CA GLY A 121 26.30 -7.78 -6.38
C GLY A 121 25.95 -9.26 -6.53
N ALA A 122 24.72 -9.64 -6.18
CA ALA A 122 24.30 -11.05 -6.26
C ALA A 122 24.38 -11.63 -7.66
N THR A 123 24.73 -12.92 -7.73
CA THR A 123 24.80 -13.67 -8.99
C THR A 123 23.73 -14.76 -9.02
N MET A 124 22.61 -14.48 -8.35
CA MET A 124 21.42 -15.34 -8.36
C MET A 124 20.22 -14.41 -8.59
N PRO A 125 19.06 -14.97 -8.99
CA PRO A 125 17.91 -14.09 -9.22
C PRO A 125 17.43 -13.43 -7.94
N VAL A 126 17.29 -12.10 -7.99
CA VAL A 126 16.83 -11.32 -6.86
C VAL A 126 15.85 -10.32 -7.43
N HIS A 127 14.61 -10.39 -6.98
CA HIS A 127 13.56 -9.55 -7.53
C HIS A 127 12.85 -8.75 -6.48
N THR A 128 12.20 -7.68 -6.89
CA THR A 128 11.25 -7.01 -6.01
C THR A 128 9.88 -7.07 -6.69
N LEU A 129 8.82 -6.75 -5.95
CA LEU A 129 7.47 -6.93 -6.44
C LEU A 129 6.67 -5.64 -6.28
N ARG A 130 6.65 -4.84 -7.35
CA ARG A 130 5.84 -3.62 -7.40
C ARG A 130 4.97 -3.54 -8.66
N THR A 131 5.53 -3.90 -9.81
CA THR A 131 4.86 -3.67 -11.10
C THR A 131 4.32 -4.97 -11.71
N LEU A 132 3.51 -4.81 -12.75
CA LEU A 132 3.04 -5.96 -13.54
C LEU A 132 4.22 -6.74 -14.12
N GLU A 133 5.21 -6.02 -14.63
CA GLU A 133 6.44 -6.62 -15.15
C GLU A 133 7.13 -7.46 -14.05
N ASP A 134 7.22 -6.89 -12.85
CA ASP A 134 7.80 -7.60 -11.70
C ASP A 134 7.05 -8.90 -11.44
N ALA A 135 5.72 -8.81 -11.40
CA ALA A 135 4.87 -9.95 -11.07
C ALA A 135 5.03 -11.05 -12.11
N ARG A 136 5.06 -10.67 -13.37
CA ARG A 136 5.26 -11.67 -14.44
C ARG A 136 6.61 -12.38 -14.29
N ARG A 137 7.64 -11.60 -13.95
CA ARG A 137 9.01 -12.11 -13.83
C ARG A 137 9.10 -13.11 -12.66
N ILE A 138 8.47 -12.77 -11.55
CA ILE A 138 8.45 -13.63 -10.35
C ILE A 138 7.64 -14.89 -10.61
N GLN A 139 6.44 -14.72 -11.16
CA GLN A 139 5.57 -15.86 -11.46
C GLN A 139 6.27 -16.86 -12.37
N ALA A 140 7.02 -16.36 -13.34
CA ALA A 140 7.74 -17.26 -14.27
C ALA A 140 8.71 -18.16 -13.51
N GLY A 141 9.12 -17.73 -12.33
CA GLY A 141 10.10 -18.50 -11.54
C GLY A 141 9.51 -19.32 -10.41
N LEU A 142 8.19 -19.27 -10.23
CA LEU A 142 7.53 -20.06 -9.20
C LEU A 142 7.34 -21.52 -9.66
N ARG A 143 8.46 -22.20 -9.92
CA ARG A 143 8.44 -23.59 -10.34
C ARG A 143 8.09 -24.47 -9.14
N PRO A 144 7.13 -25.40 -9.29
CA PRO A 144 6.84 -26.30 -8.17
C PRO A 144 8.09 -27.05 -7.71
N GLN A 145 8.21 -27.21 -6.40
CA GLN A 145 9.37 -27.83 -5.74
C GLN A 145 10.66 -27.00 -5.78
N SER A 146 10.60 -25.80 -6.36
CA SER A 146 11.74 -24.87 -6.26
C SER A 146 11.75 -24.23 -4.87
N ARG A 147 12.87 -23.55 -4.57
CA ARG A 147 13.02 -22.88 -3.28
C ARG A 147 13.01 -21.36 -3.45
N LEU A 148 12.09 -20.70 -2.75
CA LEU A 148 12.04 -19.26 -2.73
C LEU A 148 12.47 -18.75 -1.35
N LEU A 149 13.35 -17.73 -1.31
CA LEU A 149 13.60 -16.97 -0.10
C LEU A 149 12.97 -15.60 -0.23
N ILE A 150 12.16 -15.24 0.76
CA ILE A 150 11.61 -13.90 0.84
C ILE A 150 12.33 -13.12 1.94
N VAL A 151 12.75 -11.91 1.61
CA VAL A 151 13.39 -11.03 2.59
C VAL A 151 12.40 -9.95 2.97
N GLY A 152 11.91 -10.03 4.21
CA GLY A 152 10.93 -9.10 4.71
C GLY A 152 9.62 -9.78 5.03
N GLY A 153 9.14 -9.57 6.25
CA GLY A 153 7.90 -10.21 6.69
C GLY A 153 6.73 -9.25 6.72
N GLY A 154 6.68 -8.34 5.74
CA GLY A 154 5.54 -7.43 5.57
C GLY A 154 4.41 -8.08 4.79
N VAL A 155 3.34 -7.33 4.55
CA VAL A 155 2.16 -7.93 3.91
C VAL A 155 2.45 -8.51 2.52
N ILE A 156 3.19 -7.78 1.69
CA ILE A 156 3.46 -8.27 0.32
C ILE A 156 4.32 -9.53 0.34
N GLY A 157 5.35 -9.56 1.19
CA GLY A 157 6.16 -10.77 1.37
C GLY A 157 5.30 -11.95 1.81
N LEU A 158 4.37 -11.70 2.74
CA LEU A 158 3.52 -12.79 3.22
C LEU A 158 2.47 -13.25 2.22
N GLU A 159 1.92 -12.29 1.46
CA GLU A 159 1.03 -12.66 0.36
C GLU A 159 1.75 -13.50 -0.69
N LEU A 160 2.97 -13.10 -1.02
CA LEU A 160 3.79 -13.91 -1.93
C LEU A 160 4.09 -15.28 -1.33
N ALA A 161 4.39 -15.34 -0.03
CA ALA A 161 4.67 -16.62 0.63
C ALA A 161 3.47 -17.57 0.47
N ALA A 162 2.27 -17.06 0.72
CA ALA A 162 1.06 -17.87 0.63
C ALA A 162 0.79 -18.33 -0.80
N THR A 163 0.98 -17.41 -1.74
CA THR A 163 0.85 -17.71 -3.14
C THR A 163 1.84 -18.78 -3.60
N ALA A 164 3.08 -18.66 -3.15
CA ALA A 164 4.12 -19.61 -3.55
C ALA A 164 3.84 -20.99 -2.95
N ARG A 165 3.42 -21.04 -1.68
CA ARG A 165 3.09 -22.33 -1.07
C ARG A 165 1.93 -23.02 -1.78
N THR A 166 0.93 -22.23 -2.19
CA THR A 166 -0.21 -22.77 -2.94
C THR A 166 0.23 -23.35 -4.28
N ALA A 167 1.26 -22.72 -4.87
CA ALA A 167 1.86 -23.17 -6.12
C ALA A 167 2.83 -24.37 -5.98
N GLY A 168 3.03 -24.84 -4.75
CA GLY A 168 3.97 -25.96 -4.47
C GLY A 168 5.44 -25.58 -4.39
N VAL A 169 5.70 -24.31 -4.09
CA VAL A 169 7.06 -23.80 -3.96
C VAL A 169 7.45 -23.85 -2.48
N HIS A 170 8.68 -24.28 -2.19
CA HIS A 170 9.20 -24.23 -0.83
C HIS A 170 9.58 -22.78 -0.49
N VAL A 171 9.17 -22.31 0.68
CA VAL A 171 9.38 -20.89 1.03
C VAL A 171 10.09 -20.73 2.35
N SER A 172 11.19 -19.99 2.34
CA SER A 172 11.83 -19.47 3.55
C SER A 172 11.63 -17.96 3.59
N LEU A 173 11.60 -17.40 4.80
CA LEU A 173 11.39 -15.97 4.94
C LEU A 173 12.24 -15.44 6.08
N VAL A 174 12.96 -14.35 5.81
CA VAL A 174 13.86 -13.75 6.79
C VAL A 174 13.32 -12.37 7.17
N GLU A 175 13.16 -12.15 8.48
CA GLU A 175 12.62 -10.90 9.01
C GLU A 175 13.56 -10.37 10.11
N THR A 176 13.94 -9.09 10.01
CA THR A 176 14.87 -8.50 10.99
C THR A 176 14.24 -8.30 12.37
N GLN A 177 12.94 -8.01 12.39
CA GLN A 177 12.22 -7.82 13.65
C GLN A 177 11.86 -9.16 14.31
N PRO A 178 11.44 -9.12 15.59
CA PRO A 178 10.99 -10.37 16.25
C PRO A 178 9.59 -10.85 15.79
N ARG A 179 8.90 -10.03 14.99
CA ARG A 179 7.54 -10.31 14.54
C ARG A 179 7.32 -9.89 13.10
N LEU A 180 6.29 -10.46 12.49
CA LEU A 180 5.84 -10.07 11.14
C LEU A 180 5.04 -8.78 11.17
N MET A 181 4.92 -8.12 10.01
CA MET A 181 4.03 -6.97 9.90
C MET A 181 4.22 -5.95 11.04
N SER A 182 5.48 -5.62 11.37
CA SER A 182 5.73 -4.68 12.46
C SER A 182 5.19 -3.28 12.14
N ARG A 183 5.10 -2.97 10.84
CA ARG A 183 4.75 -1.62 10.41
C ARG A 183 3.33 -1.21 10.81
N ALA A 184 2.35 -2.04 10.56
CA ALA A 184 0.98 -1.56 10.72
C ALA A 184 -0.01 -2.60 11.22
N ALA A 185 0.43 -3.50 12.11
CA ALA A 185 -0.46 -4.58 12.60
C ALA A 185 -0.37 -4.78 14.10
N PRO A 186 -1.50 -5.02 14.76
CA PRO A 186 -1.40 -5.35 16.19
C PRO A 186 -0.58 -6.62 16.42
N ALA A 187 0.18 -6.66 17.52
CA ALA A 187 1.01 -7.82 17.81
C ALA A 187 0.20 -9.15 17.84
N THR A 188 -1.02 -9.09 18.37
CA THR A 188 -1.87 -10.28 18.46
C THR A 188 -2.11 -10.83 17.05
N LEU A 189 -2.38 -9.93 16.10
CA LEU A 189 -2.55 -10.35 14.72
C LEU A 189 -1.25 -10.94 14.15
N ALA A 190 -0.15 -10.22 14.33
CA ALA A 190 1.14 -10.67 13.81
C ALA A 190 1.56 -12.05 14.35
N ASP A 191 1.30 -12.29 15.65
CA ASP A 191 1.63 -13.58 16.26
C ASP A 191 0.84 -14.70 15.60
N PHE A 192 -0.45 -14.45 15.40
CA PHE A 192 -1.32 -15.42 14.76
C PHE A 192 -0.91 -15.70 13.32
N VAL A 193 -0.60 -14.63 12.59
CA VAL A 193 -0.21 -14.77 11.20
C VAL A 193 1.04 -15.62 11.05
N ALA A 194 1.98 -15.46 11.97
CA ALA A 194 3.19 -16.30 11.98
C ALA A 194 2.82 -17.77 12.20
N ARG A 195 1.95 -18.04 13.17
CA ARG A 195 1.52 -19.40 13.43
C ARG A 195 0.86 -20.02 12.20
N TYR A 196 0.07 -19.21 11.49
CA TYR A 196 -0.57 -19.65 10.25
C TYR A 196 0.44 -20.01 9.17
N HIS A 197 1.38 -19.11 8.88
CA HIS A 197 2.34 -19.39 7.81
C HIS A 197 3.27 -20.57 8.17
N ALA A 198 3.70 -20.62 9.42
CA ALA A 198 4.49 -21.76 9.88
C ALA A 198 3.74 -23.07 9.68
N ALA A 199 2.44 -23.09 9.98
CA ALA A 199 1.63 -24.29 9.82
C ALA A 199 1.46 -24.69 8.36
N GLN A 200 1.62 -23.71 7.46
CA GLN A 200 1.53 -23.94 6.02
C GLN A 200 2.86 -24.28 5.37
N GLY A 201 3.90 -24.46 6.19
CA GLY A 201 5.20 -24.88 5.68
C GLY A 201 6.23 -23.79 5.40
N VAL A 202 5.89 -22.53 5.70
CA VAL A 202 6.87 -21.43 5.55
C VAL A 202 7.92 -21.52 6.64
N ASP A 203 9.19 -21.48 6.23
CA ASP A 203 10.33 -21.55 7.14
C ASP A 203 10.66 -20.10 7.55
N LEU A 204 10.13 -19.69 8.70
CA LEU A 204 10.28 -18.32 9.22
C LEU A 204 11.54 -18.14 10.06
N ARG A 205 12.31 -17.09 9.73
CA ARG A 205 13.51 -16.77 10.50
C ARG A 205 13.39 -15.35 11.05
N PHE A 206 13.13 -15.23 12.36
CA PHE A 206 12.99 -13.92 12.98
C PHE A 206 14.30 -13.41 13.55
N GLU A 207 14.42 -12.08 13.63
CA GLU A 207 15.63 -11.44 14.14
C GLU A 207 16.87 -11.90 13.38
N ARG A 208 16.72 -12.03 12.06
CA ARG A 208 17.81 -12.32 11.14
C ARG A 208 17.84 -11.27 10.03
N SER A 209 19.04 -11.05 9.49
CA SER A 209 19.25 -10.12 8.39
C SER A 209 20.15 -10.82 7.39
N VAL A 210 20.03 -10.43 6.13
CA VAL A 210 20.91 -10.94 5.06
C VAL A 210 22.23 -10.15 5.03
N THR A 211 23.35 -10.85 5.05
CA THR A 211 24.66 -10.19 5.03
C THR A 211 25.31 -10.26 3.67
N GLY A 212 24.81 -11.14 2.81
CA GLY A 212 25.34 -11.30 1.45
C GLY A 212 24.85 -12.57 0.80
N SER A 213 25.54 -12.98 -0.27
CA SER A 213 25.21 -14.20 -0.98
C SER A 213 26.41 -14.68 -1.77
N VAL A 214 26.50 -15.99 -1.97
CA VAL A 214 27.58 -16.58 -2.77
C VAL A 214 27.04 -17.79 -3.53
N ASP A 215 27.31 -17.85 -4.84
CA ASP A 215 26.97 -19.02 -5.69
C ASP A 215 25.59 -19.65 -5.39
N GLY A 216 24.56 -18.83 -5.37
CA GLY A 216 23.17 -19.30 -5.20
C GLY A 216 22.74 -19.53 -3.77
N VAL A 217 23.55 -19.08 -2.82
CA VAL A 217 23.22 -19.24 -1.43
C VAL A 217 23.26 -17.89 -0.72
N VAL A 218 22.22 -17.62 0.07
CA VAL A 218 22.14 -16.37 0.80
C VAL A 218 22.73 -16.53 2.21
N LEU A 219 23.46 -15.52 2.68
CA LEU A 219 24.13 -15.55 3.98
C LEU A 219 23.39 -14.67 4.98
N LEU A 220 23.36 -15.11 6.23
CA LEU A 220 22.62 -14.42 7.29
C LEU A 220 23.56 -13.95 8.39
N ASP A 221 23.09 -13.01 9.20
CA ASP A 221 23.94 -12.44 10.25
C ASP A 221 24.12 -13.32 11.48
N ASP A 222 23.53 -14.52 11.48
CA ASP A 222 23.85 -15.47 12.53
C ASP A 222 24.93 -16.44 12.05
N GLY A 223 25.54 -16.10 10.90
CA GLY A 223 26.61 -16.89 10.33
C GLY A 223 26.13 -18.16 9.64
N THR A 224 24.85 -18.21 9.28
CA THR A 224 24.30 -19.39 8.61
C THR A 224 23.92 -19.09 7.15
N ARG A 225 23.33 -20.09 6.51
CA ARG A 225 23.10 -20.07 5.05
C ARG A 225 21.70 -20.51 4.69
N ILE A 226 21.15 -19.93 3.63
CA ILE A 226 19.90 -20.39 3.04
C ILE A 226 20.06 -20.52 1.52
N ALA A 227 19.96 -21.74 1.03
CA ALA A 227 20.00 -21.97 -0.41
C ALA A 227 18.64 -21.62 -1.00
N ALA A 228 18.64 -20.94 -2.14
CA ALA A 228 17.38 -20.59 -2.82
C ALA A 228 17.59 -20.51 -4.32
N ASP A 229 16.51 -20.74 -5.06
CA ASP A 229 16.52 -20.60 -6.50
C ASP A 229 16.24 -19.16 -6.93
N MET A 230 15.55 -18.43 -6.06
CA MET A 230 15.11 -17.08 -6.33
C MET A 230 14.96 -16.38 -4.98
N VAL A 231 15.32 -15.10 -4.94
CA VAL A 231 15.10 -14.24 -3.76
C VAL A 231 14.10 -13.17 -4.17
N VAL A 232 13.08 -12.95 -3.35
CA VAL A 232 12.24 -11.76 -3.52
C VAL A 232 12.39 -10.85 -2.30
N VAL A 233 12.79 -9.61 -2.55
CA VAL A 233 13.04 -8.62 -1.49
C VAL A 233 11.78 -7.78 -1.31
N GLY A 234 11.25 -7.77 -0.08
CA GLY A 234 10.10 -6.95 0.28
C GLY A 234 10.34 -6.29 1.62
N ILE A 235 11.26 -5.33 1.63
CA ILE A 235 11.68 -4.66 2.86
C ILE A 235 11.15 -3.24 2.97
N GLY A 236 10.11 -2.96 2.19
CA GLY A 236 9.50 -1.64 2.21
C GLY A 236 9.78 -0.89 0.93
N VAL A 237 9.27 0.34 0.89
CA VAL A 237 9.35 1.16 -0.32
C VAL A 237 9.96 2.52 0.00
N LEU A 238 10.35 3.22 -1.06
CA LEU A 238 10.88 4.58 -0.96
C LEU A 238 10.08 5.48 -1.88
N ALA A 239 9.65 6.63 -1.38
CA ALA A 239 8.83 7.54 -2.21
C ALA A 239 9.56 7.94 -3.47
N ASN A 240 8.82 7.96 -4.59
CA ASN A 240 9.36 8.45 -5.85
C ASN A 240 9.26 9.98 -5.89
N ASP A 241 10.04 10.66 -5.05
CA ASP A 241 9.92 12.11 -4.90
C ASP A 241 11.08 12.88 -5.52
N ALA A 242 11.81 12.25 -6.44
CA ALA A 242 12.98 12.92 -7.03
C ALA A 242 12.66 14.24 -7.78
N LEU A 243 11.57 14.27 -8.55
CA LEU A 243 11.23 15.50 -9.30
C LEU A 243 10.92 16.63 -8.32
N ALA A 244 10.21 16.29 -7.24
CA ALA A 244 9.88 17.25 -6.21
C ALA A 244 11.14 17.78 -5.50
N ARG A 245 12.05 16.88 -5.14
CA ARG A 245 13.30 17.29 -4.46
C ARG A 245 14.11 18.27 -5.34
N ALA A 246 14.25 17.90 -6.61
CA ALA A 246 15.02 18.68 -7.57
C ALA A 246 14.39 20.06 -7.80
N ALA A 247 13.06 20.14 -7.71
CA ALA A 247 12.32 21.37 -7.97
C ALA A 247 12.20 22.26 -6.74
N GLY A 248 12.63 21.76 -5.59
CA GLY A 248 12.75 22.58 -4.38
C GLY A 248 11.57 22.45 -3.42
N LEU A 249 10.74 21.41 -3.59
CA LEU A 249 9.64 21.13 -2.67
C LEU A 249 10.14 20.48 -1.39
N ALA A 250 9.41 20.67 -0.28
CA ALA A 250 9.77 19.99 0.97
C ALA A 250 9.49 18.49 0.89
N CYS A 251 10.54 17.69 1.03
CA CYS A 251 10.44 16.22 0.90
C CYS A 251 11.35 15.55 1.90
N ASP A 252 10.94 14.37 2.36
CA ASP A 252 11.80 13.55 3.22
C ASP A 252 11.29 12.12 3.08
N ASP A 253 11.82 11.40 2.10
CA ASP A 253 11.24 10.09 1.70
C ASP A 253 9.72 10.28 1.59
N GLY A 254 9.32 11.22 0.74
CA GLY A 254 7.90 11.52 0.59
C GLY A 254 7.71 13.02 0.56
N ILE A 255 6.75 13.44 -0.25
CA ILE A 255 6.48 14.88 -0.43
C ILE A 255 5.51 15.31 0.67
N PHE A 256 5.88 16.33 1.44
CA PHE A 256 4.96 16.78 2.51
C PHE A 256 3.75 17.47 1.88
N VAL A 257 2.55 17.08 2.30
CA VAL A 257 1.33 17.75 1.86
C VAL A 257 0.39 17.98 3.00
N ASP A 258 -0.41 19.04 2.87
CA ASP A 258 -1.50 19.28 3.82
C ASP A 258 -2.78 18.54 3.37
N ALA A 259 -3.90 18.82 4.03
CA ALA A 259 -5.12 18.05 3.77
C ALA A 259 -5.77 18.44 2.43
N TYR A 260 -5.24 19.47 1.78
CA TYR A 260 -5.72 19.85 0.44
C TYR A 260 -4.83 19.29 -0.64
N GLY A 261 -3.79 18.55 -0.22
CA GLY A 261 -2.83 17.97 -1.16
C GLY A 261 -1.77 18.94 -1.61
N ARG A 262 -1.71 20.10 -0.98
CA ARG A 262 -0.73 21.12 -1.39
C ARG A 262 0.66 20.77 -0.91
N THR A 263 1.63 20.90 -1.82
CA THR A 263 3.06 20.86 -1.49
C THR A 263 3.53 22.26 -1.06
N THR A 264 4.83 22.41 -0.80
CA THR A 264 5.29 23.76 -0.44
C THR A 264 5.46 24.65 -1.67
N CYS A 265 5.27 24.08 -2.86
CA CYS A 265 5.39 24.86 -4.10
C CYS A 265 4.00 25.24 -4.63
N PRO A 266 3.73 26.57 -4.77
CA PRO A 266 2.44 27.00 -5.33
C PRO A 266 2.12 26.31 -6.65
N ASP A 267 0.85 25.90 -6.76
CA ASP A 267 0.27 25.24 -7.96
C ASP A 267 0.74 23.82 -8.15
N VAL A 268 1.47 23.28 -7.16
CA VAL A 268 1.89 21.88 -7.22
C VAL A 268 1.30 21.14 -6.03
N TYR A 269 0.61 20.04 -6.36
CA TYR A 269 -0.05 19.14 -5.40
C TYR A 269 0.61 17.78 -5.45
N ALA A 270 0.36 16.94 -4.43
CA ALA A 270 0.80 15.54 -4.50
C ALA A 270 -0.20 14.60 -3.83
N LEU A 271 -0.24 13.34 -4.28
CA LEU A 271 -1.24 12.39 -3.84
C LEU A 271 -0.63 11.00 -3.71
N GLY A 272 -1.20 10.18 -2.83
CA GLY A 272 -0.95 8.74 -2.79
C GLY A 272 0.34 8.35 -2.11
N ASP A 273 0.95 7.26 -2.58
CA ASP A 273 2.14 6.68 -1.92
C ASP A 273 3.32 7.65 -1.84
N VAL A 274 3.38 8.64 -2.73
CA VAL A 274 4.54 9.56 -2.76
C VAL A 274 4.45 10.61 -1.64
N THR A 275 3.30 10.73 -0.99
CA THR A 275 3.09 11.78 0.01
C THR A 275 3.39 11.35 1.45
N ARG A 276 3.82 12.34 2.23
CA ARG A 276 3.91 12.24 3.70
C ARG A 276 2.85 13.22 4.20
N GLN A 277 1.93 12.73 5.02
CA GLN A 277 0.72 13.47 5.37
C GLN A 277 0.28 13.17 6.80
N ARG A 278 -0.64 13.98 7.30
CA ARG A 278 -1.12 13.80 8.67
C ARG A 278 -2.04 12.59 8.80
N ASN A 279 -1.67 11.69 9.71
CA ASN A 279 -2.57 10.62 10.17
C ASN A 279 -3.40 11.23 11.30
N PRO A 280 -4.72 11.41 11.07
CA PRO A 280 -5.57 12.03 12.10
C PRO A 280 -5.60 11.31 13.46
N LEU A 281 -5.37 10.01 13.45
CA LEU A 281 -5.40 9.24 14.70
C LEU A 281 -4.15 9.41 15.55
N SER A 282 -2.98 9.44 14.91
CA SER A 282 -1.75 9.61 15.67
C SER A 282 -1.43 11.11 15.81
N GLY A 283 -1.97 11.91 14.88
CA GLY A 283 -1.65 13.34 14.81
C GLY A 283 -0.24 13.59 14.32
N ARG A 284 0.38 12.58 13.70
CA ARG A 284 1.75 12.71 13.19
C ARG A 284 1.75 12.55 11.69
N PHE A 285 2.78 13.08 11.05
CA PHE A 285 2.96 12.87 9.64
C PHE A 285 3.57 11.50 9.39
N GLU A 286 3.04 10.84 8.37
CA GLU A 286 3.42 9.48 8.01
C GLU A 286 3.27 9.30 6.50
N ARG A 287 4.01 8.38 5.93
CA ARG A 287 3.72 7.97 4.56
C ARG A 287 2.71 6.82 4.69
N ILE A 288 1.51 7.02 4.13
CA ILE A 288 0.41 6.05 4.20
C ILE A 288 0.34 5.28 2.89
N GLU A 289 0.75 4.02 2.95
CA GLU A 289 1.07 3.25 1.74
C GLU A 289 -0.04 2.30 1.38
N THR A 290 -1.28 2.80 1.32
CA THR A 290 -2.44 1.93 1.11
C THR A 290 -3.25 2.30 -0.12
N TRP A 291 -3.92 1.26 -0.63
CA TRP A 291 -4.88 1.41 -1.72
C TRP A 291 -5.96 2.44 -1.36
N SER A 292 -6.50 2.34 -0.14
CA SER A 292 -7.60 3.23 0.23
C SER A 292 -7.11 4.68 0.29
N ASN A 293 -5.88 4.89 0.76
CA ASN A 293 -5.36 6.25 0.75
C ASN A 293 -5.22 6.79 -0.68
N ALA A 294 -4.65 5.97 -1.59
CA ALA A 294 -4.41 6.44 -2.96
C ALA A 294 -5.74 6.88 -3.57
N GLN A 295 -6.77 6.05 -3.43
CA GLN A 295 -8.08 6.41 -3.96
C GLN A 295 -8.73 7.58 -3.21
N ASN A 296 -8.78 7.50 -1.89
CA ASN A 296 -9.56 8.47 -1.11
C ASN A 296 -8.91 9.84 -1.10
N GLN A 297 -7.57 9.87 -1.01
CA GLN A 297 -6.84 11.12 -1.01
C GLN A 297 -6.92 11.75 -2.39
N GLY A 298 -6.81 10.92 -3.44
CA GLY A 298 -6.94 11.46 -4.80
C GLY A 298 -8.32 12.10 -4.97
N ILE A 299 -9.36 11.40 -4.54
CA ILE A 299 -10.72 11.94 -4.66
C ILE A 299 -10.88 13.24 -3.87
N ALA A 300 -10.46 13.23 -2.61
CA ALA A 300 -10.60 14.43 -1.77
C ALA A 300 -9.87 15.64 -2.30
N VAL A 301 -8.65 15.44 -2.80
CA VAL A 301 -7.86 16.54 -3.33
C VAL A 301 -8.52 17.13 -4.60
N ALA A 302 -8.98 16.25 -5.49
CA ALA A 302 -9.72 16.67 -6.68
C ALA A 302 -10.97 17.45 -6.32
N ARG A 303 -11.77 16.90 -5.40
CA ARG A 303 -13.03 17.53 -5.00
C ARG A 303 -12.79 18.97 -4.51
N HIS A 304 -11.79 19.15 -3.66
CA HIS A 304 -11.51 20.48 -3.07
C HIS A 304 -10.89 21.47 -4.08
N LEU A 305 -10.20 20.94 -5.08
CA LEU A 305 -9.69 21.80 -6.16
C LEU A 305 -10.83 22.38 -6.99
N VAL A 306 -11.83 21.54 -7.28
CA VAL A 306 -13.00 22.00 -8.06
C VAL A 306 -13.96 22.84 -7.21
N ASP A 307 -14.12 22.44 -5.94
CA ASP A 307 -15.00 23.12 -5.02
C ASP A 307 -14.21 23.42 -3.74
N PRO A 308 -13.60 24.62 -3.67
CA PRO A 308 -12.83 25.04 -2.49
C PRO A 308 -13.62 25.07 -1.17
N THR A 309 -14.94 24.93 -1.24
CA THR A 309 -15.75 24.87 0.01
C THR A 309 -15.77 23.46 0.62
N ALA A 310 -15.37 22.46 -0.18
CA ALA A 310 -15.29 21.06 0.27
C ALA A 310 -14.23 20.93 1.35
N PRO A 311 -14.42 19.99 2.27
CA PRO A 311 -13.41 19.81 3.33
C PRO A 311 -12.14 19.21 2.76
N GLY A 312 -11.05 19.32 3.48
CA GLY A 312 -9.82 18.62 3.06
C GLY A 312 -9.94 17.13 3.31
N TYR A 313 -8.92 16.39 2.92
CA TYR A 313 -8.90 14.96 3.16
C TYR A 313 -8.98 14.66 4.65
N ALA A 314 -9.86 13.70 5.02
CA ALA A 314 -10.13 13.45 6.43
C ALA A 314 -10.32 11.97 6.78
N GLU A 315 -10.17 11.10 5.79
CA GLU A 315 -10.40 9.65 5.97
C GLU A 315 -9.35 9.05 6.90
N LEU A 316 -9.76 8.05 7.68
CA LEU A 316 -8.84 7.39 8.59
C LEU A 316 -8.25 6.17 7.87
N PRO A 317 -7.01 5.79 8.21
CA PRO A 317 -6.33 4.77 7.41
C PRO A 317 -6.87 3.37 7.64
N TRP A 318 -6.79 2.55 6.61
CA TRP A 318 -7.13 1.13 6.71
C TRP A 318 -6.57 0.41 5.49
N TYR A 319 -6.32 -0.88 5.67
CA TYR A 319 -5.93 -1.73 4.56
C TYR A 319 -6.45 -3.16 4.76
N TRP A 320 -6.15 -4.01 3.77
CA TRP A 320 -6.47 -5.43 3.88
C TRP A 320 -5.29 -6.20 3.31
N SER A 321 -5.25 -7.49 3.60
CA SER A 321 -4.25 -8.38 3.05
C SER A 321 -4.89 -9.75 2.90
N ASP A 322 -4.62 -10.42 1.79
CA ASP A 322 -5.15 -11.76 1.52
C ASP A 322 -3.99 -12.71 1.56
N GLN A 323 -3.92 -13.53 2.62
CA GLN A 323 -2.80 -14.45 2.78
C GLN A 323 -3.33 -15.88 2.90
N GLY A 324 -3.44 -16.56 1.77
CA GLY A 324 -3.96 -17.94 1.74
C GLY A 324 -5.38 -17.94 2.28
N ALA A 325 -5.60 -18.72 3.34
CA ALA A 325 -6.91 -18.81 4.00
C ALA A 325 -7.30 -17.60 4.85
N LEU A 326 -6.37 -16.66 5.00
CA LEU A 326 -6.60 -15.49 5.84
C LEU A 326 -7.02 -14.26 5.04
N ARG A 327 -8.23 -13.78 5.28
CA ARG A 327 -8.67 -12.48 4.78
C ARG A 327 -8.57 -11.48 5.93
N ILE A 328 -7.51 -10.69 5.88
CA ILE A 328 -7.16 -9.78 6.98
C ILE A 328 -7.58 -8.36 6.62
N GLN A 329 -8.24 -7.68 7.55
CA GLN A 329 -8.58 -6.26 7.41
C GLN A 329 -8.10 -5.51 8.65
N VAL A 330 -7.43 -4.38 8.46
CA VAL A 330 -6.87 -3.63 9.59
C VAL A 330 -7.17 -2.16 9.41
N ALA A 331 -7.73 -1.53 10.45
CA ALA A 331 -8.03 -0.10 10.39
C ALA A 331 -7.40 0.65 11.56
N GLY A 332 -7.03 1.90 11.33
CA GLY A 332 -6.56 2.75 12.40
C GLY A 332 -5.21 2.35 12.96
N LEU A 333 -5.06 2.57 14.25
CA LEU A 333 -3.81 2.31 14.95
C LEU A 333 -3.69 0.86 15.38
N ALA A 334 -2.45 0.37 15.38
CA ALA A 334 -2.18 -1.03 15.77
C ALA A 334 -2.34 -1.25 17.26
N SER A 335 -2.21 -0.20 18.05
CA SER A 335 -2.32 -0.37 19.49
C SER A 335 -2.83 0.88 20.20
N GLY A 336 -3.29 0.68 21.43
CA GLY A 336 -3.65 1.77 22.31
C GLY A 336 -3.27 1.33 23.70
N ASP A 337 -4.14 1.56 24.66
CA ASP A 337 -3.89 1.14 26.03
C ASP A 337 -4.71 -0.10 26.39
N GLU A 338 -5.44 -0.62 25.40
CA GLU A 338 -6.32 -1.77 25.62
C GLU A 338 -6.68 -2.48 24.32
N GLU A 339 -6.63 -3.80 24.33
CA GLU A 339 -7.15 -4.58 23.20
C GLU A 339 -8.29 -5.47 23.68
N ILE A 340 -9.36 -5.53 22.87
CA ILE A 340 -10.49 -6.40 23.15
C ILE A 340 -10.51 -7.43 22.03
N VAL A 341 -10.60 -8.71 22.38
CA VAL A 341 -10.62 -9.79 21.40
C VAL A 341 -12.02 -10.40 21.31
N ARG A 342 -12.63 -10.33 20.13
CA ARG A 342 -13.94 -10.95 19.83
C ARG A 342 -13.72 -12.24 19.05
N GLY A 343 -14.14 -13.36 19.63
CA GLY A 343 -13.94 -14.67 19.02
C GLY A 343 -12.69 -15.35 19.53
N GLU A 344 -12.49 -16.61 19.14
CA GLU A 344 -11.29 -17.35 19.51
C GLU A 344 -10.24 -17.10 18.44
N VAL A 345 -8.98 -17.05 18.86
CA VAL A 345 -7.86 -16.94 17.91
C VAL A 345 -7.29 -18.35 17.74
N SER A 346 -7.65 -18.99 16.63
CA SER A 346 -7.33 -20.40 16.42
C SER A 346 -7.09 -20.73 14.95
N LEU A 347 -6.14 -21.62 14.70
CA LEU A 347 -5.86 -22.08 13.34
C LEU A 347 -6.98 -22.93 12.75
N ASP A 348 -7.85 -23.46 13.61
CA ASP A 348 -9.03 -24.17 13.15
C ASP A 348 -10.14 -23.18 12.79
N ALA A 349 -10.36 -23.00 11.49
CA ALA A 349 -11.35 -22.06 10.94
C ALA A 349 -11.21 -20.67 11.57
N PRO A 350 -10.10 -19.98 11.25
CA PRO A 350 -9.76 -18.67 11.81
C PRO A 350 -10.86 -17.66 11.56
N LYS A 351 -11.31 -17.02 12.63
CA LYS A 351 -12.33 -15.98 12.54
C LYS A 351 -12.30 -15.21 13.84
N PHE A 352 -11.82 -13.98 13.79
CA PHE A 352 -11.82 -13.15 14.98
C PHE A 352 -11.72 -11.67 14.66
N THR A 353 -11.98 -10.86 15.69
CA THR A 353 -11.92 -9.40 15.58
C THR A 353 -11.10 -8.89 16.75
N LEU A 354 -10.24 -7.91 16.49
CA LEU A 354 -9.53 -7.19 17.54
C LEU A 354 -10.00 -5.75 17.54
N ILE A 355 -10.09 -5.17 18.73
CA ILE A 355 -10.45 -3.76 18.83
C ILE A 355 -9.42 -3.09 19.74
N GLU A 356 -8.81 -2.01 19.25
CA GLU A 356 -7.82 -1.27 20.04
C GLU A 356 -8.46 -0.01 20.60
N LEU A 357 -8.27 0.21 21.90
CA LEU A 357 -8.84 1.38 22.54
C LEU A 357 -7.76 2.22 23.19
N GLN A 358 -8.05 3.51 23.32
CA GLN A 358 -7.21 4.42 24.08
C GLN A 358 -8.14 5.23 24.97
N LYS A 359 -7.97 5.07 26.29
CA LYS A 359 -8.86 5.66 27.28
C LYS A 359 -10.34 5.44 26.90
N GLY A 360 -10.66 4.22 26.51
CA GLY A 360 -12.04 3.85 26.20
C GLY A 360 -12.54 4.17 24.80
N ARG A 361 -11.73 4.88 24.02
CA ARG A 361 -12.10 5.32 22.68
C ARG A 361 -11.47 4.36 21.69
N ILE A 362 -12.26 3.90 20.73
CA ILE A 362 -11.77 3.02 19.68
C ILE A 362 -10.78 3.79 18.79
N VAL A 363 -9.57 3.24 18.66
CA VAL A 363 -8.52 3.84 17.80
C VAL A 363 -8.04 2.89 16.70
N GLY A 364 -8.51 1.66 16.72
CA GLY A 364 -8.12 0.69 15.68
C GLY A 364 -8.92 -0.58 15.78
N ALA A 365 -8.91 -1.35 14.70
CA ALA A 365 -9.62 -2.62 14.65
C ALA A 365 -9.04 -3.55 13.60
N THR A 366 -9.20 -4.85 13.83
CA THR A 366 -8.73 -5.88 12.91
C THR A 366 -9.85 -6.91 12.78
N CYS A 367 -10.10 -7.36 11.56
CA CYS A 367 -10.97 -8.50 11.33
C CYS A 367 -10.24 -9.53 10.50
N VAL A 368 -10.27 -10.77 10.97
CA VAL A 368 -9.75 -11.91 10.23
C VAL A 368 -10.91 -12.81 9.85
N ASN A 369 -11.18 -12.89 8.54
CA ASN A 369 -12.29 -13.70 8.01
C ASN A 369 -13.60 -13.28 8.66
N ASN A 370 -13.77 -11.96 8.75
CA ASN A 370 -14.98 -11.39 9.34
C ASN A 370 -15.31 -10.01 8.80
N ALA A 371 -15.52 -9.94 7.48
CA ALA A 371 -15.77 -8.68 6.79
C ALA A 371 -17.01 -7.96 7.32
N ARG A 372 -18.00 -8.71 7.78
CA ARG A 372 -19.25 -8.11 8.26
C ARG A 372 -19.04 -7.14 9.42
N ASP A 373 -18.06 -7.44 10.28
CA ASP A 373 -17.72 -6.64 11.46
C ASP A 373 -16.89 -5.39 11.10
N PHE A 374 -16.16 -5.46 10.00
CA PHE A 374 -15.19 -4.42 9.69
C PHE A 374 -15.83 -3.06 9.38
N ALA A 375 -16.86 -3.04 8.54
CA ALA A 375 -17.52 -1.77 8.22
C ALA A 375 -18.08 -1.03 9.46
N PRO A 376 -18.85 -1.73 10.31
CA PRO A 376 -19.31 -1.12 11.56
C PRO A 376 -18.16 -0.59 12.44
N LEU A 377 -17.07 -1.33 12.54
CA LEU A 377 -15.94 -0.91 13.36
C LEU A 377 -15.26 0.33 12.79
N ARG A 378 -15.17 0.42 11.45
CA ARG A 378 -14.60 1.62 10.83
C ARG A 378 -15.46 2.84 11.11
N ARG A 379 -16.78 2.65 11.18
CA ARG A 379 -17.68 3.76 11.50
C ARG A 379 -17.51 4.20 12.96
N LEU A 380 -17.45 3.22 13.86
CA LEU A 380 -17.20 3.53 15.27
C LEU A 380 -15.86 4.23 15.46
N LEU A 381 -14.86 3.76 14.73
CA LEU A 381 -13.55 4.39 14.73
C LEU A 381 -13.60 5.86 14.24
N ALA A 382 -14.34 6.10 13.16
CA ALA A 382 -14.40 7.43 12.54
C ALA A 382 -14.92 8.52 13.48
N VAL A 383 -15.89 8.16 14.32
CA VAL A 383 -16.48 9.12 15.27
C VAL A 383 -15.80 9.09 16.64
N GLY A 384 -14.79 8.25 16.79
CA GLY A 384 -14.11 8.09 18.07
C GLY A 384 -15.05 7.60 19.16
N ALA A 385 -15.84 6.59 18.82
CA ALA A 385 -16.83 6.01 19.74
C ALA A 385 -16.17 5.46 21.00
N LYS A 386 -16.89 5.60 22.11
CA LYS A 386 -16.51 5.03 23.41
C LYS A 386 -17.59 4.04 23.90
N PRO A 387 -17.68 2.87 23.25
CA PRO A 387 -18.73 1.90 23.58
C PRO A 387 -18.43 1.17 24.87
N ASP A 388 -19.43 0.46 25.40
CA ASP A 388 -19.24 -0.32 26.61
C ASP A 388 -18.28 -1.48 26.29
N ARG A 389 -17.17 -1.54 27.03
CA ARG A 389 -16.14 -2.56 26.75
C ARG A 389 -16.64 -3.98 26.94
N ALA A 390 -17.47 -4.19 27.96
CA ALA A 390 -18.08 -5.50 28.20
C ALA A 390 -18.93 -5.90 27.00
N ALA A 391 -19.69 -4.94 26.46
CA ALA A 391 -20.49 -5.16 25.24
C ALA A 391 -19.62 -5.45 24.04
N LEU A 392 -18.49 -4.75 23.92
CA LEU A 392 -17.57 -4.97 22.82
C LEU A 392 -16.97 -6.38 22.84
N ALA A 393 -16.76 -6.90 24.04
CA ALA A 393 -16.20 -8.24 24.21
C ALA A 393 -17.26 -9.31 24.00
N ASP A 394 -18.39 -9.15 24.69
CA ASP A 394 -19.56 -10.05 24.63
C ASP A 394 -19.87 -10.50 23.19
N PRO A 395 -19.86 -11.82 22.95
CA PRO A 395 -20.17 -12.31 21.60
C PRO A 395 -21.61 -12.05 21.15
N ALA A 396 -22.50 -11.84 22.13
CA ALA A 396 -23.92 -11.56 21.85
C ALA A 396 -24.18 -10.17 21.24
N THR A 397 -23.16 -9.30 21.28
CA THR A 397 -23.28 -7.94 20.75
C THR A 397 -23.25 -7.87 19.22
N ASP A 398 -24.19 -7.12 18.67
CA ASP A 398 -24.26 -6.83 17.24
C ASP A 398 -23.60 -5.46 16.96
N LEU A 399 -22.47 -5.49 16.25
CA LEU A 399 -21.67 -4.28 16.03
C LEU A 399 -22.31 -3.29 15.05
N ARG A 400 -23.03 -3.81 14.04
CA ARG A 400 -23.74 -2.96 13.07
C ARG A 400 -24.77 -2.06 13.74
N LYS A 401 -25.51 -2.60 14.71
CA LYS A 401 -26.54 -1.85 15.44
C LYS A 401 -25.89 -0.75 16.27
N LEU A 402 -24.78 -1.11 16.92
CA LEU A 402 -23.98 -0.17 17.72
C LEU A 402 -23.56 1.03 16.85
N ALA A 403 -23.02 0.76 15.67
CA ALA A 403 -22.64 1.82 14.72
C ALA A 403 -23.82 2.67 14.24
N ALA A 404 -24.98 2.02 14.07
CA ALA A 404 -26.20 2.72 13.67
C ALA A 404 -26.72 3.63 14.78
N ALA A 405 -26.52 3.21 16.03
CA ALA A 405 -27.01 3.94 17.20
C ALA A 405 -26.20 5.20 17.49
N VAL A 406 -24.90 5.14 17.23
CA VAL A 406 -24.01 6.29 17.44
C VAL A 406 -24.25 7.36 16.36
#